data_8FDY
#
_entry.id   8FDY
#
_cell.length_a   74.659
_cell.length_b   74.659
_cell.length_c   100.793
_cell.angle_alpha   90.00
_cell.angle_beta   90.00
_cell.angle_gamma   120.00
#
_symmetry.space_group_name_H-M   'P 32 2 1'
#
loop_
_entity.id
_entity.type
_entity.pdbx_description
1 polymer 'Phosphoribosylglycinamide formyltransferase'
2 non-polymer 'GLYCINAMIDE RIBONUCLEOTIDE'
3 non-polymer 'N-{5-[4-(2-amino-4-oxo-3,4-dihydrothieno[2,3-d]pyrimidin-6-yl)butyl]pyridine-2-carbonyl}-L-glutamic acid'
4 water water
#
_entity_poly.entity_id   1
_entity_poly.type   'polypeptide(L)'
_entity_poly.pdbx_seq_one_letter_code
;MARVAVLISGTGSNLQALIDSTREPNSSAQIDIVISNKAAVAGLDKAERAGIPTRVINHKLYKNRVEFDSAIDLVLEEFS
IDIVCLAGFMRILSGPFVQKWNGKMLNIHPSLLPSFKGSNAHEQALETGVTVTGCTVHFVAEDVDAGQIILQEAVPVKRG
DTVATLSERVKLAEHKIFPAALQLVASGTVQLGENGKICWVKEEHHHHHH
;
_entity_poly.pdbx_strand_id   A
#
loop_
_chem_comp.id
_chem_comp.type
_chem_comp.name
_chem_comp.formula
GAR non-polymer 'GLYCINAMIDE RIBONUCLEOTIDE' 'C7 H13 N2 O8 P -2'
XSI non-polymer 'N-{5-[4-(2-amino-4-oxo-3,4-dihydrothieno[2,3-d]pyrimidin-6-yl)butyl]pyridine-2-carbonyl}-L-glutamic acid' 'C21 H23 N5 O6 S'
#
# COMPACT_ATOMS: atom_id res chain seq x y z
N ALA A 2 9.76 -11.71 7.55
CA ALA A 2 9.95 -10.31 7.18
C ALA A 2 9.07 -9.47 8.09
N ARG A 3 9.63 -8.38 8.60
CA ARG A 3 8.91 -7.49 9.51
C ARG A 3 8.31 -6.35 8.69
N VAL A 4 7.02 -6.10 8.89
CA VAL A 4 6.27 -5.24 7.98
C VAL A 4 5.65 -4.09 8.76
N ALA A 5 5.75 -2.90 8.18
CA ALA A 5 5.01 -1.74 8.64
C ALA A 5 3.92 -1.45 7.63
N VAL A 6 2.72 -1.14 8.10
CA VAL A 6 1.65 -0.68 7.23
C VAL A 6 1.39 0.79 7.55
N LEU A 7 1.43 1.62 6.51
CA LEU A 7 1.12 3.04 6.61
C LEU A 7 -0.29 3.28 6.07
N ILE A 8 -1.14 3.95 6.85
CA ILE A 8 -2.54 4.11 6.52
C ILE A 8 -2.96 5.56 6.64
N SER A 9 -4.15 5.85 6.10
CA SER A 9 -4.74 7.18 6.20
C SER A 9 -6.25 7.17 6.38
N GLY A 10 -6.93 6.03 6.27
CA GLY A 10 -8.38 5.99 6.25
C GLY A 10 -8.94 4.77 6.91
N THR A 11 -9.92 4.14 6.25
CA THR A 11 -10.71 3.10 6.92
C THR A 11 -9.91 1.84 7.14
N GLY A 12 -8.93 1.56 6.27
CA GLY A 12 -8.06 0.43 6.47
C GLY A 12 -8.66 -0.92 6.14
N SER A 13 -9.46 -1.02 5.09
CA SER A 13 -9.93 -2.34 4.68
C SER A 13 -8.80 -3.17 4.10
N ASN A 14 -7.83 -2.52 3.43
CA ASN A 14 -6.64 -3.27 3.01
C ASN A 14 -5.77 -3.65 4.21
N LEU A 15 -5.67 -2.77 5.21
CA LEU A 15 -4.97 -3.15 6.43
C LEU A 15 -5.57 -4.44 7.00
N GLN A 16 -6.89 -4.47 7.12
CA GLN A 16 -7.55 -5.65 7.67
C GLN A 16 -7.26 -6.90 6.84
N ALA A 17 -7.24 -6.77 5.51
CA ALA A 17 -6.87 -7.92 4.68
C ALA A 17 -5.44 -8.35 4.95
N LEU A 18 -4.53 -7.39 5.12
CA LEU A 18 -3.14 -7.72 5.39
C LEU A 18 -2.99 -8.36 6.77
N ILE A 19 -3.71 -7.84 7.77
CA ILE A 19 -3.71 -8.46 9.09
C ILE A 19 -4.20 -9.90 8.98
N ASP A 20 -5.34 -10.11 8.33
CA ASP A 20 -5.90 -11.45 8.23
C ASP A 20 -4.90 -12.42 7.61
N SER A 21 -4.31 -12.06 6.47
CA SER A 21 -3.43 -13.02 5.81
C SER A 21 -2.12 -13.22 6.57
N THR A 22 -1.54 -12.15 7.10
CA THR A 22 -0.26 -12.31 7.77
C THR A 22 -0.36 -13.08 9.08
N ARG A 23 -1.57 -13.29 9.61
CA ARG A 23 -1.73 -14.08 10.82
C ARG A 23 -1.88 -15.57 10.51
N GLU A 24 -2.02 -15.92 9.23
CA GLU A 24 -2.05 -17.33 8.85
C GLU A 24 -0.72 -17.99 9.15
N PRO A 25 -0.72 -19.27 9.54
CA PRO A 25 0.54 -19.91 9.96
C PRO A 25 1.62 -19.85 8.90
N ASN A 26 1.27 -19.97 7.62
CA ASN A 26 2.26 -19.97 6.54
C ASN A 26 2.68 -18.57 6.11
N SER A 27 2.23 -17.51 6.76
CA SER A 27 2.61 -16.16 6.35
C SER A 27 4.10 -15.94 6.55
N SER A 28 4.78 -15.40 5.53
CA SER A 28 6.18 -15.03 5.68
C SER A 28 6.37 -13.61 6.18
N ALA A 29 5.28 -12.91 6.47
CA ALA A 29 5.31 -11.54 6.94
C ALA A 29 4.59 -11.44 8.27
N GLN A 30 5.10 -10.56 9.12
CA GLN A 30 4.44 -10.19 10.36
C GLN A 30 4.28 -8.68 10.35
N ILE A 31 3.10 -8.19 10.70
CA ILE A 31 2.88 -6.75 10.79
C ILE A 31 3.25 -6.32 12.20
N ASP A 32 4.32 -5.55 12.33
CA ASP A 32 4.85 -5.15 13.62
C ASP A 32 4.50 -3.73 14.02
N ILE A 33 3.94 -2.92 13.11
CA ILE A 33 3.62 -1.54 13.42
C ILE A 33 2.70 -0.99 12.35
N VAL A 34 1.72 -0.20 12.77
CA VAL A 34 0.84 0.52 11.87
C VAL A 34 1.04 2.00 12.10
N ILE A 35 1.25 2.75 11.02
CA ILE A 35 1.56 4.17 11.09
C ILE A 35 0.52 4.92 10.27
N SER A 36 -0.05 5.97 10.87
CA SER A 36 -1.05 6.79 10.20
C SER A 36 -0.66 8.25 10.28
N ASN A 37 -1.00 8.98 9.21
CA ASN A 37 -0.89 10.43 9.20
C ASN A 37 -2.15 11.13 9.70
N LYS A 38 -3.19 10.36 10.04
CA LYS A 38 -4.45 10.88 10.55
C LYS A 38 -4.82 10.13 11.82
N ALA A 39 -5.16 10.86 12.88
CA ALA A 39 -5.20 10.30 14.23
C ALA A 39 -6.57 9.79 14.67
N ALA A 40 -7.60 9.87 13.82
CA ALA A 40 -8.93 9.38 14.19
C ALA A 40 -9.50 8.50 13.09
N VAL A 41 -8.68 7.61 12.54
CA VAL A 41 -9.09 6.81 11.40
C VAL A 41 -9.42 5.40 11.86
N ALA A 42 -10.36 4.78 11.15
CA ALA A 42 -10.74 3.40 11.46
C ALA A 42 -9.53 2.47 11.42
N GLY A 43 -8.59 2.72 10.48
CA GLY A 43 -7.42 1.87 10.38
C GLY A 43 -6.68 1.70 11.69
N LEU A 44 -6.51 2.79 12.44
CA LEU A 44 -5.81 2.68 13.73
C LEU A 44 -6.54 1.72 14.66
N ASP A 45 -7.87 1.75 14.63
CA ASP A 45 -8.65 0.89 15.51
C ASP A 45 -8.49 -0.57 15.12
N LYS A 46 -8.51 -0.87 13.82
CA LYS A 46 -8.28 -2.24 13.39
C LYS A 46 -6.93 -2.75 13.89
N ALA A 47 -5.89 -1.91 13.80
CA ALA A 47 -4.58 -2.30 14.30
C ALA A 47 -4.63 -2.60 15.79
N GLU A 48 -5.20 -1.67 16.57
CA GLU A 48 -5.30 -1.88 18.01
C GLU A 48 -6.10 -3.14 18.32
N ARG A 49 -7.24 -3.33 17.65
CA ARG A 49 -8.00 -4.56 17.84
C ARG A 49 -7.15 -5.79 17.61
N ALA A 50 -6.19 -5.73 16.68
CA ALA A 50 -5.34 -6.87 16.38
C ALA A 50 -4.10 -6.97 17.26
N GLY A 51 -3.93 -6.06 18.22
CA GLY A 51 -2.75 -6.11 19.06
C GLY A 51 -1.50 -5.65 18.37
N ILE A 52 -1.62 -4.78 17.38
CA ILE A 52 -0.48 -4.22 16.64
C ILE A 52 -0.19 -2.82 17.18
N PRO A 53 1.05 -2.49 17.54
CA PRO A 53 1.36 -1.12 17.93
C PRO A 53 1.02 -0.13 16.83
N THR A 54 0.72 1.11 17.24
CA THR A 54 0.31 2.16 16.33
C THR A 54 1.05 3.45 16.66
N ARG A 55 1.24 4.28 15.63
CA ARG A 55 1.85 5.59 15.79
CA ARG A 55 1.85 5.59 15.79
C ARG A 55 1.22 6.53 14.79
N VAL A 56 0.90 7.73 15.24
CA VAL A 56 0.31 8.76 14.41
C VAL A 56 1.37 9.84 14.20
N ILE A 57 1.60 10.21 12.95
CA ILE A 57 2.55 11.25 12.61
C ILE A 57 1.79 12.35 11.89
N ASN A 58 1.75 13.54 12.49
CA ASN A 58 1.01 14.66 11.95
C ASN A 58 1.97 15.56 11.19
N HIS A 59 1.68 15.81 9.90
CA HIS A 59 2.51 16.74 9.15
C HIS A 59 2.56 18.11 9.81
N LYS A 60 1.57 18.43 10.64
CA LYS A 60 1.52 19.74 11.30
C LYS A 60 2.63 19.92 12.33
N LEU A 61 3.60 19.01 12.44
CA LEU A 61 4.74 19.23 13.34
C LEU A 61 6.07 19.20 12.59
N TYR A 62 6.06 19.18 11.27
CA TYR A 62 7.28 19.06 10.48
C TYR A 62 7.30 20.11 9.38
N LYS A 63 8.49 20.60 9.07
CA LYS A 63 8.60 21.72 8.15
C LYS A 63 8.42 21.31 6.69
N ASN A 64 8.77 20.08 6.34
CA ASN A 64 8.76 19.65 4.95
C ASN A 64 8.49 18.16 4.88
N ARG A 65 8.40 17.64 3.65
CA ARG A 65 8.15 16.22 3.46
C ARG A 65 9.31 15.37 3.99
N VAL A 66 10.55 15.76 3.65
CA VAL A 66 11.70 14.98 4.06
C VAL A 66 11.76 14.88 5.58
N GLU A 67 11.41 15.97 6.28
CA GLU A 67 11.37 15.94 7.73
C GLU A 67 10.29 14.99 8.23
N PHE A 68 9.12 15.02 7.59
CA PHE A 68 8.02 14.17 8.01
C PHE A 68 8.33 12.70 7.71
N ASP A 69 8.74 12.40 6.48
CA ASP A 69 9.14 11.02 6.17
C ASP A 69 10.27 10.56 7.08
N SER A 70 11.16 11.46 7.48
CA SER A 70 12.22 11.10 8.43
C SER A 70 11.63 10.60 9.74
N ALA A 71 10.51 11.20 10.16
CA ALA A 71 9.86 10.74 11.39
C ALA A 71 9.31 9.35 11.20
N ILE A 72 8.71 9.09 10.04
CA ILE A 72 8.27 7.73 9.70
C ILE A 72 9.45 6.78 9.72
N ASP A 73 10.53 7.16 9.03
CA ASP A 73 11.70 6.28 8.94
C ASP A 73 12.26 5.95 10.32
N LEU A 74 12.21 6.91 11.24
CA LEU A 74 12.72 6.62 12.58
C LEU A 74 11.92 5.51 13.24
N VAL A 75 10.59 5.54 13.10
CA VAL A 75 9.76 4.48 13.67
C VAL A 75 10.02 3.17 12.98
N LEU A 76 10.24 3.19 11.67
CA LEU A 76 10.55 1.96 10.95
C LEU A 76 11.83 1.33 11.48
N GLU A 77 12.83 2.16 11.77
CA GLU A 77 14.09 1.62 12.28
C GLU A 77 13.92 1.10 13.71
N GLU A 78 13.21 1.84 14.55
CA GLU A 78 12.96 1.37 15.91
C GLU A 78 12.28 0.01 15.91
N PHE A 79 11.42 -0.26 14.95
CA PHE A 79 10.76 -1.55 14.87
C PHE A 79 11.48 -2.53 13.93
N SER A 80 12.72 -2.23 13.55
CA SER A 80 13.53 -3.09 12.69
C SER A 80 12.68 -3.63 11.53
N ILE A 81 12.07 -2.72 10.79
CA ILE A 81 11.13 -3.08 9.73
C ILE A 81 11.89 -3.44 8.45
N ASP A 82 11.43 -4.49 7.78
CA ASP A 82 11.99 -4.93 6.50
C ASP A 82 11.22 -4.44 5.30
N ILE A 83 9.89 -4.31 5.41
CA ILE A 83 9.02 -4.05 4.28
C ILE A 83 7.95 -3.05 4.71
N VAL A 84 7.65 -2.09 3.83
CA VAL A 84 6.63 -1.09 4.08
C VAL A 84 5.50 -1.32 3.08
N CYS A 85 4.28 -1.47 3.60
CA CYS A 85 3.09 -1.47 2.76
C CYS A 85 2.37 -0.14 2.94
N LEU A 86 2.11 0.55 1.83
CA LEU A 86 1.23 1.71 1.82
C LEU A 86 -0.18 1.21 1.55
N ALA A 87 -1.07 1.34 2.54
CA ALA A 87 -2.42 0.78 2.44
C ALA A 87 -3.43 1.91 2.62
N GLY A 88 -3.74 2.61 1.54
CA GLY A 88 -4.57 3.80 1.63
C GLY A 88 -3.87 4.98 2.26
N PHE A 89 -2.54 5.05 2.10
CA PHE A 89 -1.75 6.15 2.64
C PHE A 89 -1.76 7.28 1.60
N MET A 90 -2.30 8.43 1.98
CA MET A 90 -2.59 9.51 1.03
C MET A 90 -1.67 10.70 1.21
N ARG A 91 -0.38 10.45 1.44
CA ARG A 91 0.65 11.46 1.29
C ARG A 91 1.64 10.99 0.26
N ILE A 92 2.36 11.92 -0.34
CA ILE A 92 3.41 11.59 -1.28
C ILE A 92 4.73 11.56 -0.52
N LEU A 93 5.54 10.53 -0.78
CA LEU A 93 6.78 10.34 -0.06
C LEU A 93 7.93 11.02 -0.79
N SER A 94 8.91 11.45 0.00
CA SER A 94 10.06 12.15 -0.55
C SER A 94 10.97 11.18 -1.32
N GLY A 95 11.80 11.76 -2.19
CA GLY A 95 12.74 11.00 -2.96
C GLY A 95 13.68 10.17 -2.12
N PRO A 96 14.36 10.80 -1.15
CA PRO A 96 15.30 10.04 -0.32
C PRO A 96 14.63 8.91 0.43
N PHE A 97 13.45 9.14 1.00
CA PHE A 97 12.73 8.06 1.66
C PHE A 97 12.40 6.95 0.67
N VAL A 98 11.89 7.30 -0.51
CA VAL A 98 11.59 6.28 -1.49
C VAL A 98 12.88 5.59 -1.94
N GLN A 99 13.95 6.36 -2.12
CA GLN A 99 15.23 5.77 -2.50
C GLN A 99 15.69 4.75 -1.45
N LYS A 100 15.62 5.13 -0.17
CA LYS A 100 16.08 4.24 0.88
C LYS A 100 15.29 2.93 0.89
N TRP A 101 13.99 3.01 0.61
CA TRP A 101 13.13 1.84 0.67
C TRP A 101 12.87 1.23 -0.70
N ASN A 102 13.68 1.61 -1.69
CA ASN A 102 13.60 1.00 -3.01
C ASN A 102 13.58 -0.51 -2.90
N GLY A 103 12.59 -1.15 -3.52
CA GLY A 103 12.49 -2.59 -3.49
C GLY A 103 11.91 -3.17 -2.23
N LYS A 104 11.58 -2.34 -1.24
CA LYS A 104 11.04 -2.81 0.02
C LYS A 104 9.75 -2.10 0.41
N MET A 105 9.14 -1.36 -0.50
CA MET A 105 7.90 -0.65 -0.20
C MET A 105 6.88 -0.96 -1.28
N LEU A 106 5.74 -1.48 -0.88
CA LEU A 106 4.65 -1.83 -1.78
C LEU A 106 3.50 -0.84 -1.63
N ASN A 107 2.78 -0.65 -2.72
CA ASN A 107 1.59 0.19 -2.73
C ASN A 107 0.50 -0.50 -3.51
N ILE A 108 -0.75 -0.29 -3.08
CA ILE A 108 -1.94 -0.78 -3.80
C ILE A 108 -2.58 0.41 -4.49
N HIS A 109 -2.84 0.29 -5.79
CA HIS A 109 -3.42 1.39 -6.56
C HIS A 109 -4.67 0.87 -7.30
N PRO A 110 -5.83 1.58 -7.19
CA PRO A 110 -7.10 1.06 -7.72
C PRO A 110 -7.28 1.30 -9.23
N SER A 111 -6.27 0.91 -10.01
CA SER A 111 -6.40 0.84 -11.46
C SER A 111 -5.42 -0.21 -11.97
N LEU A 112 -5.61 -0.58 -13.22
CA LEU A 112 -4.66 -1.43 -13.92
C LEU A 112 -3.57 -0.52 -14.48
N LEU A 113 -2.53 -0.27 -13.71
CA LEU A 113 -1.47 0.59 -14.21
C LEU A 113 -0.88 -0.05 -15.46
N PRO A 114 -0.35 0.75 -16.39
CA PRO A 114 -0.13 2.20 -16.29
C PRO A 114 -1.36 3.10 -16.51
N SER A 115 -2.56 2.55 -16.68
CA SER A 115 -3.73 3.41 -16.81
C SER A 115 -4.06 4.09 -15.50
N PHE A 116 -4.55 5.34 -15.61
CA PHE A 116 -5.18 6.05 -14.51
C PHE A 116 -4.26 6.15 -13.29
N LYS A 117 -3.06 6.66 -13.53
CA LYS A 117 -2.19 7.02 -12.42
C LYS A 117 -2.77 8.21 -11.68
N GLY A 118 -2.44 8.33 -10.42
CA GLY A 118 -2.86 9.48 -9.66
C GLY A 118 -4.06 9.22 -8.79
N SER A 119 -4.61 10.32 -8.28
CA SER A 119 -5.40 10.27 -7.06
C SER A 119 -6.84 9.83 -7.26
N ASN A 120 -7.44 10.08 -8.43
CA ASN A 120 -8.86 9.73 -8.54
C ASN A 120 -9.08 8.63 -9.57
N ALA A 121 -8.48 7.46 -9.36
CA ALA A 121 -8.41 6.47 -10.42
C ALA A 121 -9.80 6.01 -10.85
N HIS A 122 -10.73 5.88 -9.90
CA HIS A 122 -12.08 5.44 -10.27
C HIS A 122 -12.78 6.49 -11.11
N GLU A 123 -12.68 7.76 -10.72
CA GLU A 123 -13.28 8.81 -11.53
C GLU A 123 -12.67 8.83 -12.93
N GLN A 124 -11.35 8.70 -13.01
CA GLN A 124 -10.69 8.61 -14.32
C GLN A 124 -11.25 7.44 -15.12
N ALA A 125 -11.32 6.26 -14.52
CA ALA A 125 -11.82 5.10 -15.26
C ALA A 125 -13.24 5.35 -15.75
N LEU A 126 -14.08 5.95 -14.92
CA LEU A 126 -15.48 6.14 -15.31
C LEU A 126 -15.61 7.18 -16.43
N GLU A 127 -14.87 8.29 -16.33
CA GLU A 127 -14.88 9.29 -17.39
C GLU A 127 -14.31 8.73 -18.68
N THR A 128 -13.36 7.80 -18.61
CA THR A 128 -12.74 7.28 -19.82
C THR A 128 -13.63 6.26 -20.53
N GLY A 129 -14.53 5.60 -19.81
CA GLY A 129 -15.44 4.65 -20.40
C GLY A 129 -14.94 3.22 -20.46
N VAL A 130 -13.85 2.89 -19.79
CA VAL A 130 -13.39 1.51 -19.83
C VAL A 130 -14.50 0.60 -19.33
N THR A 131 -14.53 -0.63 -19.85
CA THR A 131 -15.41 -1.65 -19.27
C THR A 131 -14.65 -2.59 -18.36
N VAL A 132 -13.33 -2.47 -18.30
CA VAL A 132 -12.49 -3.28 -17.44
C VAL A 132 -11.56 -2.34 -16.71
N THR A 133 -11.62 -2.35 -15.38
CA THR A 133 -10.59 -1.68 -14.62
C THR A 133 -9.92 -2.71 -13.74
N GLY A 134 -9.36 -2.29 -12.62
CA GLY A 134 -8.73 -3.25 -11.73
C GLY A 134 -7.89 -2.54 -10.68
N CYS A 135 -7.00 -3.32 -10.07
CA CYS A 135 -6.07 -2.78 -9.09
C CYS A 135 -4.69 -3.39 -9.33
N THR A 136 -3.66 -2.70 -8.81
CA THR A 136 -2.27 -3.03 -9.04
C THR A 136 -1.51 -2.89 -7.73
N VAL A 137 -0.75 -3.93 -7.36
CA VAL A 137 0.26 -3.81 -6.32
C VAL A 137 1.61 -3.61 -7.01
N HIS A 138 2.34 -2.59 -6.60
CA HIS A 138 3.59 -2.27 -7.24
C HIS A 138 4.61 -1.82 -6.21
N PHE A 139 5.88 -1.97 -6.56
CA PHE A 139 6.92 -1.30 -5.78
C PHE A 139 6.83 0.20 -5.99
N VAL A 140 7.13 0.95 -4.95
CA VAL A 140 7.04 2.40 -5.01
C VAL A 140 8.34 2.94 -5.60
N ALA A 141 8.22 3.70 -6.68
CA ALA A 141 9.34 4.41 -7.28
C ALA A 141 9.15 5.92 -7.08
N GLU A 142 10.10 6.70 -7.61
CA GLU A 142 10.05 8.14 -7.40
C GLU A 142 8.93 8.78 -8.21
N ASP A 143 8.69 8.27 -9.43
CA ASP A 143 7.52 8.69 -10.21
C ASP A 143 6.28 8.01 -9.65
N VAL A 144 5.36 8.80 -9.11
CA VAL A 144 4.16 8.27 -8.48
C VAL A 144 3.50 7.25 -9.42
N ASP A 145 3.22 6.06 -8.87
CA ASP A 145 2.58 4.97 -9.62
C ASP A 145 3.39 4.54 -10.83
N ALA A 146 4.73 4.57 -10.69
CA ALA A 146 5.60 4.24 -11.81
C ALA A 146 6.65 3.20 -11.44
N GLY A 147 6.49 2.51 -10.31
CA GLY A 147 7.39 1.43 -9.95
C GLY A 147 6.96 0.08 -10.51
N GLN A 148 7.82 -0.91 -10.33
CA GLN A 148 7.61 -2.23 -10.90
C GLN A 148 6.34 -2.88 -10.36
N ILE A 149 5.57 -3.46 -11.27
CA ILE A 149 4.29 -4.07 -10.95
C ILE A 149 4.52 -5.46 -10.38
N ILE A 150 3.89 -5.76 -9.25
CA ILE A 150 4.02 -7.08 -8.61
C ILE A 150 2.83 -7.98 -8.97
N LEU A 151 1.60 -7.50 -8.73
CA LEU A 151 0.39 -8.22 -9.12
C LEU A 151 -0.66 -7.23 -9.59
N GLN A 152 -1.57 -7.74 -10.41
CA GLN A 152 -2.75 -7.00 -10.84
C GLN A 152 -3.94 -7.94 -10.83
N GLU A 153 -5.14 -7.35 -10.74
CA GLU A 153 -6.36 -8.12 -10.95
C GLU A 153 -7.37 -7.24 -11.66
N ALA A 154 -7.97 -7.77 -12.73
CA ALA A 154 -9.00 -7.06 -13.47
C ALA A 154 -10.35 -7.16 -12.77
N VAL A 155 -11.14 -6.10 -12.91
CA VAL A 155 -12.46 -6.01 -12.31
C VAL A 155 -13.40 -5.39 -13.34
N PRO A 156 -14.58 -5.96 -13.58
CA PRO A 156 -15.49 -5.35 -14.56
C PRO A 156 -16.02 -4.00 -14.08
N VAL A 157 -16.22 -3.10 -15.02
CA VAL A 157 -17.06 -1.93 -14.77
C VAL A 157 -18.46 -2.26 -15.25
N LYS A 158 -19.46 -1.95 -14.43
CA LYS A 158 -20.85 -2.23 -14.77
C LYS A 158 -21.58 -0.94 -15.10
N ARG A 159 -22.53 -1.04 -16.03
CA ARG A 159 -23.31 0.13 -16.41
C ARG A 159 -23.96 0.75 -15.18
N GLY A 160 -23.88 2.06 -15.09
CA GLY A 160 -24.40 2.78 -13.94
C GLY A 160 -23.48 2.84 -12.76
N ASP A 161 -22.27 2.27 -12.86
CA ASP A 161 -21.32 2.33 -11.77
C ASP A 161 -21.03 3.78 -11.40
N THR A 162 -20.77 3.99 -10.12
CA THR A 162 -20.26 5.23 -9.60
C THR A 162 -18.95 4.94 -8.90
N VAL A 163 -18.26 5.99 -8.47
CA VAL A 163 -17.09 5.78 -7.63
C VAL A 163 -17.45 4.88 -6.46
N ALA A 164 -18.65 5.07 -5.89
CA ALA A 164 -19.06 4.24 -4.74
C ALA A 164 -19.06 2.76 -5.09
N THR A 165 -19.75 2.39 -6.18
CA THR A 165 -19.93 0.98 -6.47
C THR A 165 -18.68 0.37 -7.08
N LEU A 166 -17.99 1.12 -7.93
CA LEU A 166 -16.75 0.62 -8.54
C LEU A 166 -15.65 0.43 -7.49
N SER A 167 -15.45 1.40 -6.61
CA SER A 167 -14.42 1.24 -5.58
C SER A 167 -14.72 0.05 -4.68
N GLU A 168 -16.00 -0.17 -4.38
CA GLU A 168 -16.39 -1.35 -3.59
C GLU A 168 -16.00 -2.64 -4.29
N ARG A 169 -16.26 -2.74 -5.60
CA ARG A 169 -15.92 -3.94 -6.33
C ARG A 169 -14.40 -4.08 -6.47
N VAL A 170 -13.70 -2.98 -6.77
CA VAL A 170 -12.26 -3.09 -6.92
C VAL A 170 -11.62 -3.50 -5.60
N LYS A 171 -12.16 -3.03 -4.47
CA LYS A 171 -11.54 -3.33 -3.19
C LYS A 171 -11.59 -4.81 -2.86
N LEU A 172 -12.62 -5.52 -3.29
CA LEU A 172 -12.59 -6.97 -3.11
C LEU A 172 -11.39 -7.57 -3.82
N ALA A 173 -11.06 -7.04 -4.99
CA ALA A 173 -9.87 -7.50 -5.69
C ALA A 173 -8.61 -7.09 -4.93
N GLU A 174 -8.57 -5.85 -4.44
CA GLU A 174 -7.41 -5.37 -3.70
C GLU A 174 -7.12 -6.26 -2.49
N HIS A 175 -8.17 -6.69 -1.80
CA HIS A 175 -8.02 -7.54 -0.62
C HIS A 175 -7.48 -8.92 -0.95
N LYS A 176 -7.42 -9.30 -2.21
CA LYS A 176 -6.82 -10.56 -2.62
C LYS A 176 -5.36 -10.38 -3.03
N ILE A 177 -5.07 -9.44 -3.93
CA ILE A 177 -3.71 -9.35 -4.48
C ILE A 177 -2.77 -8.66 -3.50
N PHE A 178 -3.25 -7.74 -2.67
CA PHE A 178 -2.32 -7.09 -1.75
C PHE A 178 -1.73 -8.10 -0.78
N PRO A 179 -2.50 -8.92 -0.07
CA PRO A 179 -1.89 -9.98 0.74
C PRO A 179 -1.03 -10.92 -0.06
N ALA A 180 -1.46 -11.33 -1.25
CA ALA A 180 -0.64 -12.21 -2.07
C ALA A 180 0.69 -11.55 -2.39
N ALA A 181 0.65 -10.28 -2.78
CA ALA A 181 1.88 -9.57 -3.15
C ALA A 181 2.81 -9.47 -1.95
N LEU A 182 2.28 -9.05 -0.80
CA LEU A 182 3.12 -9.00 0.40
C LEU A 182 3.75 -10.36 0.67
N GLN A 183 2.98 -11.44 0.51
CA GLN A 183 3.54 -12.76 0.75
C GLN A 183 4.64 -13.10 -0.26
N LEU A 184 4.48 -12.65 -1.52
CA LEU A 184 5.50 -12.93 -2.53
C LEU A 184 6.79 -12.19 -2.24
N VAL A 185 6.70 -10.95 -1.75
CA VAL A 185 7.91 -10.18 -1.45
C VAL A 185 8.53 -10.65 -0.15
N ALA A 186 7.72 -10.92 0.87
CA ALA A 186 8.26 -11.29 2.17
C ALA A 186 8.95 -12.64 2.12
N SER A 187 8.45 -13.56 1.32
CA SER A 187 9.12 -14.85 1.17
C SER A 187 10.33 -14.77 0.24
N GLY A 188 10.59 -13.62 -0.37
CA GLY A 188 11.67 -13.53 -1.33
C GLY A 188 11.40 -14.17 -2.66
N THR A 189 10.16 -14.61 -2.92
CA THR A 189 9.81 -15.14 -4.23
C THR A 189 9.87 -14.05 -5.28
N VAL A 190 9.44 -12.83 -4.94
CA VAL A 190 9.55 -11.68 -5.82
C VAL A 190 10.53 -10.70 -5.21
N GLN A 191 11.42 -10.16 -6.03
CA GLN A 191 12.33 -9.14 -5.56
C GLN A 191 12.64 -8.21 -6.71
N LEU A 192 13.10 -7.03 -6.36
CA LEU A 192 13.57 -6.06 -7.34
C LEU A 192 15.04 -6.37 -7.62
N GLY A 193 15.36 -6.74 -8.86
CA GLY A 193 16.72 -7.04 -9.21
C GLY A 193 17.56 -5.79 -9.40
N GLU A 194 18.88 -5.96 -9.37
CA GLU A 194 19.79 -4.84 -9.53
C GLU A 194 19.45 -4.01 -10.76
N ASN A 195 18.98 -4.65 -11.82
CA ASN A 195 18.53 -3.99 -13.04
C ASN A 195 17.17 -3.30 -12.86
N GLY A 196 16.63 -3.18 -11.66
CA GLY A 196 15.35 -2.56 -11.45
C GLY A 196 14.17 -3.31 -12.04
N LYS A 197 14.42 -4.45 -12.68
CA LYS A 197 13.36 -5.34 -13.12
C LYS A 197 13.01 -6.30 -11.99
N ILE A 198 11.82 -6.89 -12.10
CA ILE A 198 11.27 -7.72 -11.04
C ILE A 198 11.67 -9.17 -11.30
N CYS A 199 12.20 -9.84 -10.28
CA CYS A 199 12.69 -11.21 -10.39
C CYS A 199 11.75 -12.17 -9.68
N TRP A 200 11.40 -13.26 -10.35
CA TRP A 200 10.69 -14.37 -9.72
C TRP A 200 11.72 -15.44 -9.37
N VAL A 201 11.94 -15.65 -8.08
CA VAL A 201 12.96 -16.59 -7.59
C VAL A 201 12.32 -17.90 -7.14
C1 GAR B . -7.71 1.86 -1.59
O6 GAR B . -8.92 1.44 -2.27
C2 GAR B . -6.62 2.22 -2.60
O8 GAR B . -6.96 1.61 -3.84
C3 GAR B . -6.58 3.75 -2.60
O4 GAR B . -7.15 4.14 -1.34
C5 GAR B . -7.98 3.10 -0.77
C10 GAR B . -7.78 2.85 0.73
O12 GAR B . -8.77 1.91 1.16
N19 GAR B . -5.25 4.36 -2.74
C21 GAR B . -5.01 5.22 -3.74
O22 GAR B . -5.87 5.67 -4.48
C23 GAR B . -3.58 5.66 -3.92
N24 GAR B . -2.81 4.93 -4.93
P15 GAR B . -8.65 1.15 2.59
O16 GAR B . -7.46 0.24 2.46
O17 GAR B . -8.44 2.28 3.58
O18 GAR B . -9.97 0.44 2.72
H1 GAR B . -7.39 1.01 -0.97
HO6 GAR B . -9.03 0.48 -2.17
H2 GAR B . -5.61 1.86 -2.37
HO8 GAR B . -7.56 2.19 -4.33
H3 GAR B . -7.12 4.10 -3.49
H5 GAR B . -9.03 3.44 -0.83
H101 GAR B . -6.77 2.44 0.90
H102 GAR B . -7.87 3.78 1.28
H19 GAR B . -4.53 4.12 -2.08
H231 GAR B . -3.06 5.55 -2.96
H232 GAR B . -3.57 6.72 -4.18
H241 GAR B . -3.26 4.19 -5.45
H242 GAR B . -1.85 5.17 -5.11
C12 XSI C . -1.64 11.31 -6.18
C14 XSI C . -1.18 10.00 -6.07
C15 XSI C . -2.21 11.30 -3.91
C16 XSI C . -1.25 9.37 -4.88
C21 XSI C . -3.40 12.91 -10.17
C22 XSI C . -2.62 12.64 -11.45
C17 XSI C . -1.57 12.05 -7.51
C23 XSI C . -3.56 12.40 -12.63
N11 XSI C . 7.15 9.01 -4.14
N13 XSI C . -2.14 11.93 -5.09
C20 XSI C . -2.60 13.69 -9.13
C02 XSI C . 5.92 8.26 -4.17
C04 XSI C . 4.58 6.71 -5.21
C05 XSI C . 2.39 6.21 -4.08
C06 XSI C . 1.67 6.58 -2.94
C08 XSI C . 3.64 6.86 -4.22
C09 XSI C . 3.92 7.77 -3.18
C26 XSI C . -3.16 15.10 -8.96
C29 XSI C . 0.30 6.06 -2.54
C30 XSI C . -0.76 7.06 -2.99
C31 XSI C . -0.65 8.38 -2.22
C32 XSI C . -1.84 9.29 -2.45
C33 XSI C . -1.75 10.00 -3.80
N01 XSI C . 5.05 8.44 -3.18
N03 XSI C . 5.71 7.41 -5.17
N19 XSI C . -2.65 12.97 -7.87
O10 XSI C . 4.37 5.96 -6.10
O18 XSI C . -0.65 11.90 -8.23
O24 XSI C . -3.15 11.84 -13.68
O25 XSI C . -4.76 12.76 -12.54
O27 XSI C . -3.33 15.58 -7.80
O28 XSI C . -3.47 15.80 -9.97
S07 XSI C . 2.59 7.74 -2.12
#